data_5J0F
#
_entry.id   5J0F
#
_cell.length_a   71.720
_cell.length_b   71.720
_cell.length_c   69.510
_cell.angle_alpha   90.000
_cell.angle_beta   90.000
_cell.angle_gamma   120.000
#
_symmetry.space_group_name_H-M   'P 65'
#
loop_
_entity.id
_entity.type
_entity.pdbx_description
1 polymer 'Superoxide dismutase [Cu-Zn],OXIDOREDUCTASE,Superoxide dismutase [Cu-Zn]'
2 non-polymer GLYCEROL
3 water water
#
_entity_poly.entity_id   1
_entity_poly.type   'polypeptide(L)'
_entity_poly.pdbx_seq_one_letter_code
;AGDLGNVTADKDGVADVSIEDSVISLSGDHSIIGRTLVVHEKAGAGAGSRLASGVIGIAQAGAGATKAVAVLKGDGPVQG
IINFEQKESNGPVKVWGSIKGLTEGLHGFHVHGA
;
_entity_poly.pdbx_strand_id   A,B
#
loop_
_chem_comp.id
_chem_comp.type
_chem_comp.name
_chem_comp.formula
GOL non-polymer GLYCEROL 'C3 H8 O3'
#
# COMPACT_ATOMS: atom_id res chain seq x y z
N ALA A 1 -13.42 -16.62 -9.88
CA ALA A 1 -12.41 -15.56 -10.16
C ALA A 1 -11.16 -15.84 -9.35
N GLY A 2 -10.07 -15.13 -9.60
CA GLY A 2 -8.96 -15.05 -8.70
C GLY A 2 -7.63 -15.38 -9.27
N ASP A 3 -7.53 -15.96 -10.48
CA ASP A 3 -6.24 -16.26 -11.02
C ASP A 3 -5.55 -14.93 -11.38
N LEU A 4 -4.33 -14.75 -10.88
CA LEU A 4 -3.53 -13.55 -11.14
C LEU A 4 -2.21 -13.88 -11.82
N GLY A 5 -2.09 -15.02 -12.44
CA GLY A 5 -0.91 -15.38 -13.17
C GLY A 5 0.27 -15.75 -12.29
N ASN A 6 1.45 -15.40 -12.72
CA ASN A 6 2.64 -15.59 -11.98
C ASN A 6 3.32 -14.26 -11.70
N VAL A 7 4.01 -14.16 -10.56
CA VAL A 7 4.94 -13.07 -10.31
C VAL A 7 6.36 -13.56 -10.54
N THR A 8 7.28 -12.65 -10.75
CA THR A 8 8.66 -13.02 -11.04
C THR A 8 9.54 -12.40 -9.98
N ALA A 9 10.26 -13.26 -9.26
CA ALA A 9 11.24 -12.81 -8.29
C ALA A 9 12.59 -12.74 -8.94
N ASP A 10 13.33 -11.70 -8.62
CA ASP A 10 14.72 -11.51 -9.12
C ASP A 10 15.70 -12.26 -8.26
N LYS A 11 16.99 -12.07 -8.56
CA LYS A 11 18.01 -12.78 -7.86
C LYS A 11 18.13 -12.41 -6.42
N ASP A 12 17.60 -11.23 -6.08
CA ASP A 12 17.50 -10.78 -4.67
C ASP A 12 16.28 -11.30 -3.94
N GLY A 13 15.45 -12.10 -4.62
CA GLY A 13 14.23 -12.64 -4.06
C GLY A 13 13.06 -11.70 -3.95
N VAL A 14 13.13 -10.58 -4.72
CA VAL A 14 12.08 -9.57 -4.73
C VAL A 14 11.27 -9.69 -5.97
N ALA A 15 9.95 -9.78 -5.77
CA ALA A 15 8.97 -9.71 -6.89
C ALA A 15 8.19 -8.43 -6.78
N ASP A 16 8.33 -7.52 -7.72
CA ASP A 16 7.52 -6.36 -7.84
C ASP A 16 6.33 -6.71 -8.67
N VAL A 17 5.16 -6.30 -8.22
CA VAL A 17 3.89 -6.68 -8.80
C VAL A 17 3.20 -5.49 -9.31
N SER A 18 2.78 -5.68 -10.53
CA SER A 18 1.99 -4.72 -11.10
C SER A 18 1.04 -5.42 -12.15
N ILE A 19 -0.23 -5.52 -11.88
CA ILE A 19 -1.17 -6.37 -12.66
C ILE A 19 -2.47 -5.41 -12.77
N GLU A 20 -3.27 -5.56 -13.82
CA GLU A 20 -4.69 -5.20 -13.84
C GLU A 20 -5.50 -6.47 -14.18
N ASP A 21 -6.57 -6.67 -13.46
CA ASP A 21 -7.44 -7.81 -13.70
C ASP A 21 -8.88 -7.33 -13.64
N SER A 22 -9.69 -7.86 -14.58
CA SER A 22 -11.12 -7.46 -14.65
C SER A 22 -12.09 -8.61 -14.40
N VAL A 23 -11.57 -9.77 -14.00
CA VAL A 23 -12.37 -10.87 -13.58
C VAL A 23 -12.66 -10.78 -12.10
N ILE A 24 -11.65 -10.46 -11.29
CA ILE A 24 -11.88 -10.15 -9.89
C ILE A 24 -12.59 -8.79 -9.73
N SER A 25 -13.23 -8.60 -8.58
CA SER A 25 -13.85 -7.35 -8.21
C SER A 25 -13.67 -7.12 -6.70
N LEU A 26 -13.64 -5.86 -6.30
CA LEU A 26 -13.70 -5.50 -4.87
C LEU A 26 -15.12 -5.11 -4.46
N SER A 27 -16.11 -5.33 -5.35
CA SER A 27 -17.44 -4.84 -5.18
C SER A 27 -18.39 -5.84 -5.78
N GLY A 28 -19.64 -5.43 -5.98
CA GLY A 28 -20.66 -6.29 -6.54
C GLY A 28 -20.96 -7.42 -5.59
N ASP A 29 -21.50 -8.56 -6.08
CA ASP A 29 -21.91 -9.64 -5.19
C ASP A 29 -20.94 -10.72 -5.01
N HIS A 30 -19.72 -10.64 -5.61
CA HIS A 30 -18.68 -11.67 -5.59
C HIS A 30 -17.29 -11.01 -5.28
N SER A 31 -17.28 -10.05 -4.39
CA SER A 31 -16.09 -9.34 -3.99
C SER A 31 -15.03 -10.27 -3.41
N ILE A 32 -13.75 -10.00 -3.70
CA ILE A 32 -12.66 -10.73 -3.09
C ILE A 32 -12.24 -10.20 -1.71
N ILE A 33 -12.88 -9.14 -1.23
CA ILE A 33 -12.59 -8.69 0.12
C ILE A 33 -12.88 -9.82 1.09
N GLY A 34 -11.92 -10.10 1.97
CA GLY A 34 -12.04 -11.19 2.90
C GLY A 34 -11.53 -12.54 2.41
N ARG A 35 -11.19 -12.62 1.12
CA ARG A 35 -10.53 -13.80 0.61
C ARG A 35 -9.06 -13.77 0.91
N THR A 36 -8.39 -14.92 0.79
CA THR A 36 -6.96 -15.05 1.04
C THR A 36 -6.18 -15.04 -0.28
N LEU A 37 -5.24 -14.11 -0.37
CA LEU A 37 -4.28 -14.05 -1.44
C LEU A 37 -3.14 -15.03 -1.11
N VAL A 38 -2.69 -15.79 -2.12
CA VAL A 38 -1.63 -16.74 -1.95
C VAL A 38 -0.54 -16.58 -3.03
N VAL A 39 0.67 -16.87 -2.62
CA VAL A 39 1.79 -17.01 -3.54
C VAL A 39 2.46 -18.33 -3.26
N HIS A 40 2.77 -19.06 -4.34
CA HIS A 40 3.54 -20.30 -4.16
C HIS A 40 4.97 -19.93 -3.80
N GLU A 41 5.52 -20.55 -2.75
CA GLU A 41 6.91 -20.34 -2.44
C GLU A 41 7.83 -21.14 -3.34
N LYS A 42 7.39 -22.25 -3.91
CA LYS A 42 8.24 -23.00 -4.87
C LYS A 42 8.14 -22.23 -6.20
N ALA A 43 9.30 -22.09 -6.84
CA ALA A 43 9.36 -21.47 -8.15
C ALA A 43 8.92 -22.48 -9.20
N GLY A 44 8.23 -22.02 -10.25
CA GLY A 44 7.80 -22.85 -11.35
C GLY A 44 6.56 -23.66 -11.06
N ALA A 45 6.30 -24.62 -11.94
CA ALA A 45 4.98 -25.26 -12.04
C ALA A 45 4.81 -26.50 -11.16
N GLY A 46 5.87 -26.87 -10.44
CA GLY A 46 5.90 -28.18 -9.71
C GLY A 46 4.92 -28.23 -8.55
N ALA A 47 4.47 -29.44 -8.22
CA ALA A 47 3.52 -29.67 -7.09
C ALA A 47 4.27 -29.56 -5.76
N GLY A 48 3.50 -29.38 -4.66
CA GLY A 48 4.06 -29.44 -3.30
C GLY A 48 4.65 -28.15 -2.76
N SER A 49 4.30 -27.04 -3.37
CA SER A 49 4.73 -25.78 -2.85
C SER A 49 4.18 -25.44 -1.49
N ARG A 50 4.99 -24.81 -0.65
CA ARG A 50 4.42 -24.19 0.50
C ARG A 50 3.77 -22.87 0.01
N LEU A 51 2.92 -22.26 0.80
CA LEU A 51 2.22 -21.00 0.41
C LEU A 51 2.60 -19.90 1.35
N ALA A 52 2.77 -18.69 0.86
CA ALA A 52 2.70 -17.47 1.71
C ALA A 52 1.33 -16.89 1.38
N SER A 53 0.69 -16.28 2.40
CA SER A 53 -0.69 -15.89 2.26
C SER A 53 -1.03 -14.71 3.14
N GLY A 54 -2.13 -14.08 2.82
CA GLY A 54 -2.68 -13.05 3.66
C GLY A 54 -4.11 -12.76 3.23
N VAL A 55 -4.91 -12.34 4.20
CA VAL A 55 -6.31 -12.01 3.94
C VAL A 55 -6.42 -10.61 3.34
N ILE A 56 -7.24 -10.46 2.32
CA ILE A 56 -7.46 -9.18 1.66
C ILE A 56 -8.40 -8.32 2.53
N GLY A 57 -7.86 -7.27 3.12
CA GLY A 57 -8.59 -6.43 4.04
C GLY A 57 -8.95 -5.11 3.42
N ILE A 58 -10.07 -4.56 3.81
CA ILE A 58 -10.52 -3.27 3.35
C ILE A 58 -9.64 -2.20 3.86
N ALA A 59 -9.31 -1.25 3.00
CA ALA A 59 -8.66 -0.01 3.40
C ALA A 59 -9.63 1.18 3.13
N GLN A 60 -9.69 2.16 4.02
CA GLN A 60 -10.51 3.40 3.68
C GLN A 60 -10.21 4.03 2.26
N ALA A 61 -11.28 4.27 1.51
CA ALA A 61 -11.14 4.92 0.17
C ALA A 61 -12.22 6.01 -0.06
N GLY A 62 -12.78 6.08 -1.30
CA GLY A 62 -13.89 7.01 -1.68
C GLY A 62 -15.27 6.35 -1.93
N ALA A 63 -15.83 6.62 -3.13
CA ALA A 63 -17.31 6.58 -3.48
C ALA A 63 -17.59 5.84 -4.81
N GLY A 64 -18.07 4.61 -4.69
CA GLY A 64 -17.94 3.62 -5.77
C GLY A 64 -16.54 3.08 -5.87
N ALA A 65 -15.53 3.74 -5.19
CA ALA A 65 -14.16 3.24 -5.18
C ALA A 65 -13.92 2.41 -3.97
N THR A 66 -12.92 1.56 -4.12
CA THR A 66 -12.58 0.64 -3.04
C THR A 66 -11.09 0.40 -3.15
N LYS A 67 -10.49 0.28 -1.98
CA LYS A 67 -9.10 -0.08 -1.85
C LYS A 67 -8.99 -1.20 -0.85
N ALA A 68 -8.04 -2.10 -1.04
CA ALA A 68 -7.83 -3.20 -0.13
C ALA A 68 -6.34 -3.54 -0.10
N VAL A 69 -5.92 -4.26 0.93
CA VAL A 69 -4.54 -4.59 1.13
C VAL A 69 -4.45 -6.01 1.71
N ALA A 70 -3.52 -6.81 1.19
CA ALA A 70 -3.18 -8.10 1.79
C ALA A 70 -1.73 -8.02 2.24
N VAL A 71 -1.49 -8.42 3.50
CA VAL A 71 -0.17 -8.56 4.05
C VAL A 71 0.19 -10.03 3.96
N LEU A 72 1.16 -10.36 3.12
CA LEU A 72 1.54 -11.76 2.89
C LEU A 72 2.59 -12.18 3.88
N LYS A 73 2.41 -13.35 4.45
CA LYS A 73 3.38 -13.94 5.36
C LYS A 73 3.52 -15.39 5.02
N GLY A 74 4.80 -15.80 4.89
CA GLY A 74 5.16 -17.17 4.67
C GLY A 74 6.34 -17.55 5.53
N ASP A 75 7.00 -18.61 5.10
CA ASP A 75 8.14 -19.24 5.80
C ASP A 75 9.41 -18.40 5.62
N GLY A 76 10.21 -18.45 6.69
CA GLY A 76 11.49 -17.74 6.74
C GLY A 76 11.30 -16.29 6.32
N PRO A 77 11.99 -15.89 5.24
CA PRO A 77 11.94 -14.47 4.93
C PRO A 77 10.73 -14.07 4.02
N VAL A 78 9.79 -14.94 3.66
CA VAL A 78 8.76 -14.50 2.68
C VAL A 78 7.74 -13.57 3.31
N GLN A 79 7.62 -12.39 2.74
CA GLN A 79 6.68 -11.42 3.23
C GLN A 79 6.44 -10.38 2.15
N GLY A 80 5.26 -9.79 2.15
CA GLY A 80 4.99 -8.71 1.26
C GLY A 80 3.72 -7.98 1.53
N ILE A 81 3.47 -6.96 0.74
CA ILE A 81 2.26 -6.14 0.84
C ILE A 81 1.75 -5.96 -0.57
N ILE A 82 0.50 -6.34 -0.79
CA ILE A 82 -0.17 -6.23 -2.07
C ILE A 82 -1.41 -5.38 -1.91
N ASN A 83 -1.52 -4.33 -2.70
CA ASN A 83 -2.62 -3.40 -2.75
C ASN A 83 -3.57 -3.74 -3.94
N PHE A 84 -4.86 -3.48 -3.70
CA PHE A 84 -5.88 -3.64 -4.71
C PHE A 84 -6.69 -2.35 -4.78
N GLU A 85 -6.98 -1.88 -5.98
CA GLU A 85 -7.79 -0.67 -6.12
C GLU A 85 -8.78 -0.83 -7.25
N GLN A 86 -10.00 -0.33 -7.06
CA GLN A 86 -11.04 -0.41 -8.04
C GLN A 86 -11.80 0.91 -8.03
N LYS A 87 -11.79 1.62 -9.12
CA LYS A 87 -12.32 2.94 -9.21
C LYS A 87 -13.80 2.97 -9.29
N GLU A 88 -14.41 1.95 -9.90
CA GLU A 88 -15.86 1.91 -10.02
C GLU A 88 -16.36 0.50 -9.83
N SER A 89 -17.62 0.42 -9.48
CA SER A 89 -18.27 -0.82 -9.13
C SER A 89 -18.10 -1.78 -10.28
N ASN A 90 -17.60 -2.94 -9.97
CA ASN A 90 -17.36 -4.00 -10.97
C ASN A 90 -16.51 -3.58 -12.17
N GLY A 91 -15.68 -2.57 -11.97
CA GLY A 91 -14.69 -2.13 -12.96
C GLY A 91 -13.36 -2.90 -12.82
N PRO A 92 -12.35 -2.60 -13.66
CA PRO A 92 -11.05 -3.26 -13.50
C PRO A 92 -10.40 -3.00 -12.15
N VAL A 93 -9.63 -3.99 -11.66
CA VAL A 93 -8.92 -3.87 -10.42
C VAL A 93 -7.40 -3.82 -10.69
N LYS A 94 -6.77 -2.81 -10.13
CA LYS A 94 -5.33 -2.71 -10.16
C LYS A 94 -4.73 -3.39 -8.96
N VAL A 95 -3.70 -4.21 -9.15
CA VAL A 95 -3.06 -5.00 -8.11
C VAL A 95 -1.58 -4.64 -8.14
N TRP A 96 -1.03 -4.17 -7.04
CA TRP A 96 0.38 -3.75 -7.07
C TRP A 96 0.99 -3.86 -5.69
N GLY A 97 2.29 -4.05 -5.65
CA GLY A 97 3.05 -4.10 -4.39
C GLY A 97 4.31 -4.88 -4.61
N SER A 98 4.79 -5.51 -3.56
CA SER A 98 6.02 -6.23 -3.66
C SER A 98 6.05 -7.34 -2.64
N ILE A 99 6.78 -8.41 -2.97
CA ILE A 99 6.97 -9.55 -2.15
C ILE A 99 8.47 -9.81 -2.10
N LYS A 100 9.01 -10.05 -0.92
CA LYS A 100 10.43 -10.37 -0.73
C LYS A 100 10.58 -11.79 -0.09
N GLY A 101 11.85 -12.27 -0.12
CA GLY A 101 12.14 -13.58 0.43
C GLY A 101 11.97 -14.76 -0.48
N LEU A 102 11.56 -14.53 -1.71
CA LEU A 102 11.20 -15.61 -2.67
C LEU A 102 12.45 -16.16 -3.35
N THR A 103 12.40 -17.44 -3.73
CA THR A 103 13.40 -17.94 -4.65
C THR A 103 13.31 -17.28 -6.03
N GLU A 104 14.44 -17.17 -6.69
CA GLU A 104 14.44 -16.53 -8.00
C GLU A 104 13.52 -17.29 -8.98
N GLY A 105 12.77 -16.58 -9.80
CA GLY A 105 11.95 -17.17 -10.82
C GLY A 105 10.46 -16.91 -10.65
N LEU A 106 9.66 -17.73 -11.32
CA LEU A 106 8.19 -17.55 -11.43
C LEU A 106 7.51 -18.18 -10.25
N HIS A 107 6.51 -17.46 -9.69
CA HIS A 107 5.73 -17.95 -8.58
C HIS A 107 4.25 -17.74 -8.87
N GLY A 108 3.47 -18.83 -8.74
CA GLY A 108 2.03 -18.71 -8.92
C GLY A 108 1.42 -17.76 -7.89
N PHE A 109 0.45 -16.96 -8.35
CA PHE A 109 -0.10 -15.87 -7.58
C PHE A 109 -1.62 -15.82 -7.84
N HIS A 110 -2.44 -15.95 -6.83
CA HIS A 110 -3.87 -16.00 -7.04
C HIS A 110 -4.62 -15.84 -5.73
N VAL A 111 -5.88 -15.47 -5.87
CA VAL A 111 -6.82 -15.41 -4.75
C VAL A 111 -7.42 -16.79 -4.55
N HIS A 112 -7.40 -17.32 -3.37
CA HIS A 112 -7.98 -18.62 -3.07
C HIS A 112 -9.45 -18.49 -2.80
N GLY A 113 -10.23 -19.44 -3.31
CA GLY A 113 -11.62 -19.57 -2.88
C GLY A 113 -12.60 -18.56 -3.41
N ALA A 114 -12.24 -17.87 -4.47
CA ALA A 114 -13.04 -16.84 -5.10
C ALA A 114 -13.59 -17.31 -6.42
N ALA B 1 5.05 23.06 -0.63
CA ALA B 1 4.03 22.84 0.40
C ALA B 1 3.93 21.36 0.79
N GLY B 2 4.06 21.14 2.09
CA GLY B 2 4.02 19.79 2.57
C GLY B 2 3.01 19.47 3.66
N ASP B 3 2.21 20.41 4.13
CA ASP B 3 1.22 20.12 5.13
C ASP B 3 0.16 19.19 4.54
N LEU B 4 -0.13 18.12 5.21
CA LEU B 4 -1.21 17.17 4.86
C LEU B 4 -2.32 17.15 5.95
N GLY B 5 -2.45 18.20 6.68
CA GLY B 5 -3.46 18.28 7.71
C GLY B 5 -3.09 17.45 8.90
N ASN B 6 -4.09 17.02 9.63
CA ASN B 6 -3.96 16.18 10.78
C ASN B 6 -4.57 14.80 10.47
N VAL B 7 -3.93 13.75 11.00
CA VAL B 7 -4.58 12.46 11.03
C VAL B 7 -5.28 12.33 12.36
N THR B 8 -6.34 11.59 12.39
CA THR B 8 -7.13 11.40 13.58
C THR B 8 -6.99 9.96 14.05
N ALA B 9 -6.41 9.76 15.23
CA ALA B 9 -6.30 8.46 15.84
C ALA B 9 -7.46 8.26 16.79
N ASP B 10 -8.09 7.08 16.67
CA ASP B 10 -9.18 6.68 17.51
C ASP B 10 -8.69 6.17 18.87
N LYS B 11 -9.64 5.67 19.67
CA LYS B 11 -9.32 5.20 21.00
C LYS B 11 -8.51 3.90 21.01
N ASP B 12 -8.32 3.26 19.87
CA ASP B 12 -7.42 2.13 19.74
C ASP B 12 -6.06 2.50 19.17
N GLY B 13 -5.85 3.81 18.92
CA GLY B 13 -4.60 4.29 18.43
C GLY B 13 -4.41 4.20 16.93
N VAL B 14 -5.49 3.96 16.19
CA VAL B 14 -5.48 3.78 14.75
C VAL B 14 -6.02 5.00 14.04
N ALA B 15 -5.25 5.47 13.05
CA ALA B 15 -5.65 6.53 12.13
C ALA B 15 -5.72 6.04 10.73
N ASP B 16 -6.83 6.24 10.09
CA ASP B 16 -7.01 5.96 8.67
C ASP B 16 -6.80 7.24 7.90
N VAL B 17 -6.14 7.11 6.75
CA VAL B 17 -5.87 8.24 5.88
C VAL B 17 -6.48 7.99 4.51
N SER B 18 -7.22 8.97 4.02
CA SER B 18 -7.79 8.91 2.66
C SER B 18 -7.96 10.33 2.14
N ILE B 19 -6.98 10.86 1.46
CA ILE B 19 -6.92 12.27 1.05
C ILE B 19 -6.63 12.32 -0.44
N GLU B 20 -7.13 13.37 -1.07
CA GLU B 20 -6.69 13.71 -2.41
C GLU B 20 -6.07 15.12 -2.32
N ASP B 21 -4.85 15.26 -2.80
CA ASP B 21 -4.12 16.48 -2.68
C ASP B 21 -3.70 16.96 -4.03
N SER B 22 -4.22 18.11 -4.46
CA SER B 22 -3.91 18.67 -5.73
C SER B 22 -2.74 19.58 -5.80
N VAL B 23 -2.07 19.80 -4.68
CA VAL B 23 -0.99 20.70 -4.57
C VAL B 23 0.36 19.96 -4.70
N ILE B 24 0.53 18.85 -4.05
CA ILE B 24 1.76 18.04 -4.15
C ILE B 24 1.79 17.29 -5.44
N SER B 25 2.94 16.77 -5.81
CA SER B 25 3.09 16.00 -7.05
C SER B 25 4.11 14.86 -6.84
N LEU B 26 3.96 13.78 -7.61
CA LEU B 26 4.96 12.69 -7.66
C LEU B 26 5.84 12.83 -8.91
N SER B 27 5.79 13.96 -9.60
CA SER B 27 6.51 14.10 -10.89
C SER B 27 7.06 15.53 -10.94
N GLY B 28 8.00 15.74 -11.85
CA GLY B 28 8.57 17.05 -12.12
C GLY B 28 9.56 17.53 -11.08
N ASP B 29 9.92 18.79 -11.25
CA ASP B 29 10.95 19.43 -10.48
C ASP B 29 10.67 19.50 -9.01
N HIS B 30 9.41 19.40 -8.62
CA HIS B 30 9.05 19.48 -7.23
C HIS B 30 8.38 18.21 -6.71
N SER B 31 8.67 17.09 -7.34
CA SER B 31 8.21 15.80 -6.91
C SER B 31 8.54 15.60 -5.42
N ILE B 32 7.63 14.93 -4.69
CA ILE B 32 7.87 14.52 -3.33
C ILE B 32 8.51 13.14 -3.16
N ILE B 33 8.77 12.47 -4.27
CA ILE B 33 9.52 11.24 -4.20
C ILE B 33 10.86 11.46 -3.51
N GLY B 34 11.18 10.60 -2.54
CA GLY B 34 12.41 10.75 -1.81
C GLY B 34 12.38 11.71 -0.64
N ARG B 35 11.27 12.39 -0.43
CA ARG B 35 11.05 13.22 0.75
C ARG B 35 10.62 12.36 1.92
N THR B 36 10.87 12.84 3.12
CA THR B 36 10.46 12.14 4.33
C THR B 36 9.08 12.60 4.81
N LEU B 37 8.18 11.64 4.92
CA LEU B 37 6.87 11.84 5.48
C LEU B 37 6.97 11.73 7.00
N VAL B 38 6.38 12.67 7.72
CA VAL B 38 6.44 12.70 9.17
C VAL B 38 5.04 12.80 9.76
N VAL B 39 4.88 12.20 10.95
CA VAL B 39 3.68 12.36 11.77
C VAL B 39 4.11 12.68 13.17
N HIS B 40 3.51 13.68 13.78
CA HIS B 40 3.77 14.02 15.16
C HIS B 40 3.26 12.95 16.08
N GLU B 41 4.09 12.48 17.01
CA GLU B 41 3.66 11.51 17.97
C GLU B 41 2.85 12.12 19.13
N LYS B 42 3.06 13.41 19.42
CA LYS B 42 2.22 14.12 20.41
C LYS B 42 0.90 14.53 19.76
N ALA B 43 -0.24 14.29 20.40
CA ALA B 43 -1.55 14.69 19.92
C ALA B 43 -1.77 16.17 20.18
N GLY B 44 -2.55 16.79 19.30
CA GLY B 44 -2.70 18.27 19.32
C GLY B 44 -1.49 18.97 18.69
N ALA B 45 -0.65 19.70 19.47
CA ALA B 45 0.38 20.67 18.92
C ALA B 45 1.81 20.75 19.55
N GLY B 46 2.82 21.05 18.72
CA GLY B 46 4.20 21.35 19.19
C GLY B 46 5.35 20.88 18.32
N ALA B 47 6.53 21.55 18.40
CA ALA B 47 7.77 21.18 17.61
C ALA B 47 8.94 20.66 18.43
N GLY B 48 8.91 20.77 19.76
CA GLY B 48 9.92 20.11 20.60
C GLY B 48 9.81 18.59 20.51
N SER B 49 9.93 18.13 19.26
CA SER B 49 8.89 17.30 18.69
C SER B 49 9.31 15.84 18.31
N ARG B 50 8.65 14.88 18.87
CA ARG B 50 8.84 13.49 18.58
C ARG B 50 8.02 13.13 17.31
N LEU B 51 8.70 12.55 16.31
CA LEU B 51 8.13 12.20 15.03
C LEU B 51 8.27 10.73 14.77
N ALA B 52 7.26 10.17 14.08
CA ALA B 52 7.43 8.93 13.32
C ALA B 52 7.61 9.34 11.86
N SER B 53 8.40 8.58 11.10
CA SER B 53 8.79 9.05 9.77
C SER B 53 9.11 7.86 8.88
N GLY B 54 9.10 8.15 7.58
CA GLY B 54 9.57 7.24 6.57
C GLY B 54 9.74 7.94 5.24
N VAL B 55 10.67 7.45 4.43
CA VAL B 55 10.94 8.09 3.16
C VAL B 55 9.95 7.60 2.12
N ILE B 56 9.48 8.52 1.28
CA ILE B 56 8.55 8.17 0.19
C ILE B 56 9.33 7.50 -0.95
N GLY B 57 9.08 6.19 -1.11
CA GLY B 57 9.80 5.43 -2.09
C GLY B 57 8.93 5.06 -3.27
N ILE B 58 9.55 4.93 -4.42
CA ILE B 58 8.84 4.57 -5.66
C ILE B 58 8.42 3.12 -5.60
N ALA B 59 7.17 2.87 -5.98
CA ALA B 59 6.70 1.53 -6.21
C ALA B 59 6.60 1.23 -7.69
N GLN B 60 6.06 2.18 -8.42
CA GLN B 60 5.94 2.03 -9.86
C GLN B 60 6.11 3.44 -10.44
N ALA B 61 6.74 3.55 -11.58
CA ALA B 61 6.78 4.84 -12.19
C ALA B 61 7.05 4.65 -13.71
N GLY B 62 6.26 5.39 -14.52
CA GLY B 62 6.36 5.39 -15.99
C GLY B 62 5.07 5.84 -16.64
N ALA B 63 5.12 6.16 -17.93
CA ALA B 63 3.91 6.59 -18.65
C ALA B 63 2.83 5.50 -18.56
N GLY B 64 1.69 5.78 -17.94
CA GLY B 64 1.31 7.13 -17.48
C GLY B 64 0.79 7.23 -16.04
N ALA B 65 1.56 6.74 -15.04
CA ALA B 65 1.23 6.90 -13.62
C ALA B 65 2.46 6.72 -12.73
N THR B 66 2.31 7.11 -11.48
CA THR B 66 3.31 6.92 -10.46
C THR B 66 2.63 6.45 -9.20
N LYS B 67 3.27 5.49 -8.52
CA LYS B 67 2.83 5.02 -7.22
C LYS B 67 4.01 5.04 -6.30
N ALA B 68 3.80 5.38 -5.05
CA ALA B 68 4.87 5.44 -4.06
C ALA B 68 4.34 5.02 -2.72
N VAL B 69 5.22 4.73 -1.79
CA VAL B 69 4.88 4.22 -0.50
C VAL B 69 5.88 4.73 0.55
N ALA B 70 5.39 5.19 1.69
CA ALA B 70 6.20 5.47 2.85
C ALA B 70 5.84 4.54 3.95
N VAL B 71 6.86 3.87 4.51
CA VAL B 71 6.74 3.02 5.67
C VAL B 71 7.14 3.85 6.87
N LEU B 72 6.17 4.17 7.72
CA LEU B 72 6.38 5.04 8.87
C LEU B 72 6.81 4.20 10.06
N LYS B 73 7.84 4.67 10.74
CA LYS B 73 8.31 4.03 11.94
C LYS B 73 8.64 5.10 12.94
N GLY B 74 8.18 4.85 14.14
CA GLY B 74 8.41 5.69 15.24
C GLY B 74 8.79 4.98 16.48
N ASP B 75 8.59 5.71 17.58
CA ASP B 75 8.85 5.21 18.91
C ASP B 75 7.78 4.32 19.37
N GLY B 76 8.16 3.36 20.19
CA GLY B 76 7.26 2.39 20.75
C GLY B 76 6.47 1.79 19.62
N PRO B 77 5.16 1.88 19.74
CA PRO B 77 4.33 1.12 18.84
C PRO B 77 3.93 1.86 17.57
N VAL B 78 4.44 3.09 17.32
CA VAL B 78 3.94 3.81 16.14
C VAL B 78 4.50 3.21 14.84
N GLN B 79 3.61 2.86 13.92
CA GLN B 79 4.01 2.32 12.64
C GLN B 79 2.88 2.48 11.68
N GLY B 80 3.16 2.65 10.41
CA GLY B 80 2.15 2.72 9.41
C GLY B 80 2.67 2.60 8.02
N ILE B 81 1.75 2.54 7.07
CA ILE B 81 2.05 2.47 5.65
C ILE B 81 1.17 3.48 4.98
N ILE B 82 1.75 4.38 4.20
CA ILE B 82 1.00 5.38 3.46
C ILE B 82 1.39 5.30 2.00
N ASN B 83 0.38 5.15 1.15
CA ASN B 83 0.49 5.05 -0.28
C ASN B 83 0.16 6.40 -0.93
N PHE B 84 0.83 6.65 -2.05
CA PHE B 84 0.63 7.85 -2.84
C PHE B 84 0.45 7.43 -4.30
N GLU B 85 -0.48 8.02 -5.02
CA GLU B 85 -0.69 7.66 -6.42
C GLU B 85 -1.04 8.91 -7.21
N GLN B 86 -0.53 8.96 -8.43
CA GLN B 86 -0.76 10.10 -9.36
C GLN B 86 -0.88 9.51 -10.77
N LYS B 87 -1.83 9.97 -11.54
CA LYS B 87 -2.03 9.49 -12.92
C LYS B 87 -1.38 10.25 -14.01
N GLU B 88 -1.44 11.56 -13.97
CA GLU B 88 -0.84 12.48 -14.93
C GLU B 88 0.09 13.41 -14.20
N SER B 89 1.05 13.91 -14.96
CA SER B 89 2.16 14.65 -14.40
C SER B 89 1.75 15.78 -13.50
N ASN B 90 0.73 16.53 -13.87
CA ASN B 90 0.37 17.66 -13.02
C ASN B 90 -0.84 17.38 -12.16
N GLY B 91 -1.23 16.11 -12.04
CA GLY B 91 -2.54 15.78 -11.56
C GLY B 91 -2.60 15.59 -10.06
N PRO B 92 -3.81 15.45 -9.50
CA PRO B 92 -3.91 15.21 -8.08
C PRO B 92 -3.28 13.91 -7.61
N VAL B 93 -2.87 13.95 -6.36
CA VAL B 93 -2.23 12.81 -5.74
C VAL B 93 -3.16 12.23 -4.68
N LYS B 94 -3.47 10.95 -4.76
CA LYS B 94 -4.23 10.26 -3.75
C LYS B 94 -3.23 9.76 -2.70
N VAL B 95 -3.58 9.94 -1.44
CA VAL B 95 -2.79 9.56 -0.30
C VAL B 95 -3.69 8.70 0.60
N TRP B 96 -3.28 7.46 0.87
CA TRP B 96 -4.12 6.60 1.65
C TRP B 96 -3.31 5.54 2.42
N GLY B 97 -3.85 5.11 3.56
CA GLY B 97 -3.25 4.07 4.35
C GLY B 97 -3.69 4.20 5.76
N SER B 98 -2.81 3.74 6.62
CA SER B 98 -3.14 3.75 8.00
C SER B 98 -1.91 3.81 8.85
N ILE B 99 -2.12 4.25 10.08
CA ILE B 99 -1.07 4.40 11.12
C ILE B 99 -1.66 3.90 12.42
N LYS B 100 -0.88 3.09 13.13
CA LYS B 100 -1.30 2.59 14.46
C LYS B 100 -0.25 2.95 15.46
N GLY B 101 -0.61 2.71 16.73
CA GLY B 101 0.23 3.01 17.85
C GLY B 101 0.21 4.43 18.34
N LEU B 102 -0.67 5.25 17.77
CA LEU B 102 -0.75 6.64 18.08
C LEU B 102 -1.61 6.91 19.37
N THR B 103 -1.28 7.96 20.11
CA THR B 103 -2.20 8.42 21.13
C THR B 103 -3.52 8.91 20.50
N GLU B 104 -4.62 8.82 21.22
CA GLU B 104 -5.93 9.23 20.73
C GLU B 104 -5.91 10.73 20.43
N GLY B 105 -6.43 11.13 19.29
CA GLY B 105 -6.54 12.54 18.95
C GLY B 105 -5.87 12.88 17.64
N LEU B 106 -5.66 14.19 17.44
CA LEU B 106 -5.16 14.73 16.20
C LEU B 106 -3.63 14.70 16.19
N HIS B 107 -3.03 14.30 15.07
CA HIS B 107 -1.60 14.29 14.91
C HIS B 107 -1.22 15.00 13.59
N GLY B 108 -0.34 15.96 13.68
CA GLY B 108 0.11 16.67 12.48
C GLY B 108 0.85 15.73 11.53
N PHE B 109 0.64 15.95 10.23
CA PHE B 109 1.06 15.05 9.16
C PHE B 109 1.66 15.91 8.06
N HIS B 110 2.88 15.67 7.65
CA HIS B 110 3.61 16.60 6.79
C HIS B 110 4.66 15.90 5.95
N VAL B 111 4.81 16.37 4.72
CA VAL B 111 5.93 15.94 3.86
C VAL B 111 7.06 16.95 4.03
N HIS B 112 8.13 16.54 4.69
CA HIS B 112 9.22 17.43 4.98
C HIS B 112 9.93 17.88 3.71
N GLY B 113 10.08 19.17 3.58
CA GLY B 113 10.82 19.71 2.51
C GLY B 113 10.11 19.79 1.18
N ALA B 114 8.83 19.47 1.15
CA ALA B 114 8.07 19.50 -0.08
C ALA B 114 7.79 20.92 -0.50
C1 GOL C . 11.85 -7.36 -9.44
O1 GOL C . 11.47 -7.22 -8.16
C2 GOL C . 11.30 -8.50 -10.19
O2 GOL C . 9.84 -8.54 -10.12
C3 GOL C . 11.80 -8.36 -11.64
O3 GOL C . 11.56 -9.63 -12.29
C1 GOL D . 5.56 -1.87 -3.22
O1 GOL D . 6.71 -1.07 -3.56
C2 GOL D . 5.36 -2.39 -1.74
O2 GOL D . 6.46 -1.96 -0.90
C3 GOL D . 3.96 -2.10 -1.15
O3 GOL D . 4.18 -1.48 0.14
C1 GOL E . 14.33 -5.07 0.36
O1 GOL E . 13.84 -5.57 1.60
C2 GOL E . 13.33 -5.33 -0.74
O2 GOL E . 12.16 -4.59 -0.38
C3 GOL E . 13.82 -4.92 -2.14
O3 GOL E . 13.52 -3.55 -2.46
C1 GOL F . 16.34 13.16 5.94
O1 GOL F . 17.36 13.16 4.91
C2 GOL F . 15.36 14.32 5.77
O2 GOL F . 14.28 14.36 6.72
C3 GOL F . 16.20 15.55 5.96
O3 GOL F . 15.57 16.60 5.28
C1 GOL G . -1.32 -1.02 4.14
O1 GOL G . -0.70 -2.21 4.67
C2 GOL G . -2.16 -0.23 5.14
O2 GOL G . -1.62 0.96 4.63
C3 GOL G . -3.71 -0.39 5.16
O3 GOL G . -4.52 0.82 5.16
#